data_8G3W
#
_entry.id   8G3W
#
_cell.length_a   99.498
_cell.length_b   137.411
_cell.length_c   38.592
_cell.angle_alpha   90.00
_cell.angle_beta   90.00
_cell.angle_gamma   90.00
#
_symmetry.space_group_name_H-M   'P 21 21 2'
#
loop_
_entity.id
_entity.type
_entity.pdbx_description
1 polymer 'Maltodextrin-binding protein, Induced myeloid leukemia cell differentiation protein Mcl-1 chimera'
2 branched alpha-D-glucopyranose-(1-4)-alpha-D-glucopyranose
3 non-polymer 1,2-ETHANEDIOL
4 non-polymer DI(HYDROXYETHYL)ETHER
5 non-polymer "N-[(1'S,3aS,5R,15S,17S,19Z,21R,21aR)-6'-chloro-20-fluoro-21-methoxy-17-methyl-13,15-dioxo-2,3,3',3a,4,4',13,16,17,18,21,21a-dodecahydro-2'H,6H,8H-15lambda~6~-spiro[10,12-(ethanediylidene)-15lambda~6~-furo[3,2-i][1,4]oxazepino[3,4-f][1,2,7]thiadiazacyclohexadecine-7,1'-naphthalen]-15-yl]-3-methoxy-1-methyl-1H-pyrazole-4-carboxamide"
6 water water
#
_entity_poly.entity_id   1
_entity_poly.type   'polypeptide(L)'
_entity_poly.pdbx_seq_one_letter_code
;GKIEEGKLVIWINGDKGYNGLAEVGKKFEKDTGIKVTVEHPDKLEEKFPQVAATGDGPDIIFWAHDRFGGYAQSGLLAEI
TPDKAFQDKLYPFTWDAVRYNGKLIAYPIAVEALSLIYNKDLLPNPPKTWEEIPALDKELKAKGKSALMFNLQEPYFTWP
LIAADGGYAFKYENGKYDIKDVGVDNAGAKAGLTFLVDLIKNKHMNADTDYSIAEAAFNKGETAMTINGPWAWSNIDTSK
VNYGVTVLPTFKGQPSKPFVGVLSAGINAASPNKELAKEFLENYLLTDEGLEAVNKDKPLGAVALKSYEEELAKDPRIAA
TMENAQKGEIMPNIPQMSAFWYAVRTAVINAASGRQTVDEALKDAQTGSELYRQSLEIISRYLREQATGAADTAPMGASG
ATSRKALETLRRVGDGVQRNHETAFQGMLRKLDIKNEDDVKSLSRVMIHVFSDGVTNWGRIVTLISFGAFVAKHLKTINQ
ESCIEPLAESITDVLVRTKRDWLVKQRGWDGFVEFFHV
;
_entity_poly.pdbx_strand_id   A
#
loop_
_chem_comp.id
_chem_comp.type
_chem_comp.name
_chem_comp.formula
EDO non-polymer 1,2-ETHANEDIOL 'C2 H6 O2'
GLC D-saccharide, alpha linking alpha-D-glucopyranose 'C6 H12 O6'
PEG non-polymer DI(HYDROXYETHYL)ETHER 'C4 H10 O3'
YKX non-polymer N-[(1'S,3aS,5R,15S,17S,19Z,21R,21aR)-6'-chloro-20-fluoro-21-methoxy-17-methyl-13,15-dioxo-2,3,3',3a,4,4',13,16,17,18,21,21a-dodecahydro-2'H,6H,8H-15lambda~6~-spiro[10,12-(ethanediylidene)-15lambda~6~-furo[3,2-i][1,4]oxazepino[3,4-f][1,2,7]thiadiazacyclohexadecine-7,1'-naphthalen]-15-yl]-3-methoxy-1-methyl-1H-pyrazole-4-carboxamide 'C38 H45 Cl F N5 O7 S'
#
# COMPACT_ATOMS: atom_id res chain seq x y z
N GLY A 1 0.44 -7.16 -25.30
CA GLY A 1 -0.67 -6.48 -24.57
C GLY A 1 -2.03 -7.07 -24.90
N LYS A 2 -2.17 -8.40 -24.81
CA LYS A 2 -3.46 -9.14 -24.99
C LYS A 2 -3.41 -10.47 -24.24
N ILE A 3 -4.28 -10.62 -23.23
CA ILE A 3 -4.38 -11.87 -22.41
C ILE A 3 -5.02 -12.97 -23.27
N GLU A 4 -4.48 -14.18 -23.22
CA GLU A 4 -4.90 -15.35 -24.03
C GLU A 4 -6.20 -15.96 -23.48
N GLU A 5 -7.10 -16.37 -24.37
CA GLU A 5 -8.45 -16.89 -24.03
C GLU A 5 -8.36 -18.41 -23.82
N GLY A 6 -9.15 -18.96 -22.90
CA GLY A 6 -9.25 -20.42 -22.66
C GLY A 6 -8.13 -20.96 -21.80
N LYS A 7 -7.50 -20.11 -20.97
CA LYS A 7 -6.59 -20.53 -19.88
C LYS A 7 -6.74 -19.53 -18.72
N LEU A 8 -6.19 -19.87 -17.56
CA LEU A 8 -6.07 -18.90 -16.44
C LEU A 8 -4.59 -18.80 -16.06
N VAL A 9 -4.09 -17.57 -16.01
CA VAL A 9 -2.76 -17.24 -15.43
C VAL A 9 -3.04 -16.54 -14.10
N ILE A 10 -2.41 -17.02 -13.03
CA ILE A 10 -2.61 -16.48 -11.66
C ILE A 10 -1.25 -16.01 -11.13
N TRP A 11 -1.22 -14.83 -10.54
CA TRP A 11 -0.08 -14.27 -9.79
C TRP A 11 -0.38 -14.28 -8.29
N ILE A 12 0.55 -14.82 -7.50
CA ILE A 12 0.48 -14.80 -6.01
C ILE A 12 1.90 -14.60 -5.50
N ASN A 13 2.06 -14.01 -4.32
CA ASN A 13 3.40 -13.73 -3.75
C ASN A 13 4.11 -15.05 -3.41
N GLY A 14 5.44 -15.04 -3.51
CA GLY A 14 6.32 -16.21 -3.33
C GLY A 14 6.36 -16.70 -1.89
N ASP A 15 5.80 -15.97 -0.94
CA ASP A 15 5.72 -16.39 0.49
C ASP A 15 4.42 -17.17 0.75
N LYS A 16 3.51 -17.30 -0.23
CA LYS A 16 2.19 -17.94 -0.07
C LYS A 16 2.22 -19.37 -0.63
N GLY A 17 1.14 -20.12 -0.40
CA GLY A 17 1.04 -21.54 -0.80
C GLY A 17 0.70 -21.69 -2.27
N TYR A 18 1.63 -21.31 -3.15
CA TYR A 18 1.41 -21.32 -4.63
C TYR A 18 1.38 -22.76 -5.15
N ASN A 19 2.01 -23.72 -4.49
CA ASN A 19 1.92 -25.17 -4.88
C ASN A 19 0.52 -25.68 -4.54
N GLY A 20 0.02 -25.36 -3.35
CA GLY A 20 -1.38 -25.63 -2.94
C GLY A 20 -2.36 -25.03 -3.93
N LEU A 21 -2.14 -23.77 -4.32
CA LEU A 21 -3.03 -23.09 -5.31
C LEU A 21 -2.99 -23.82 -6.66
N ALA A 22 -1.81 -24.25 -7.11
CA ALA A 22 -1.63 -25.00 -8.38
C ALA A 22 -2.40 -26.33 -8.32
N GLU A 23 -2.52 -26.93 -7.14
CA GLU A 23 -3.27 -28.20 -6.91
C GLU A 23 -4.75 -27.90 -7.14
N VAL A 24 -5.24 -26.75 -6.68
CA VAL A 24 -6.64 -26.31 -6.96
C VAL A 24 -6.78 -26.08 -8.47
N GLY A 25 -5.77 -25.50 -9.11
CA GLY A 25 -5.73 -25.33 -10.58
C GLY A 25 -5.88 -26.64 -11.34
N LYS A 26 -5.22 -27.71 -10.88
CA LYS A 26 -5.30 -29.06 -11.50
C LYS A 26 -6.72 -29.63 -11.39
N LYS A 27 -7.40 -29.43 -10.26
CA LYS A 27 -8.79 -29.88 -10.03
C LYS A 27 -9.71 -29.15 -11.03
N PHE A 28 -9.49 -27.86 -11.24
CA PHE A 28 -10.25 -27.04 -12.21
C PHE A 28 -10.06 -27.59 -13.62
N GLU A 29 -8.81 -27.90 -13.99
CA GLU A 29 -8.43 -28.42 -15.34
C GLU A 29 -9.11 -29.77 -15.61
N LYS A 30 -9.07 -30.68 -14.63
CA LYS A 30 -9.73 -32.01 -14.68
C LYS A 30 -11.21 -31.86 -15.05
N ASP A 31 -11.92 -30.89 -14.47
CA ASP A 31 -13.37 -30.67 -14.73
C ASP A 31 -13.60 -30.00 -16.08
N THR A 32 -12.79 -29.00 -16.43
CA THR A 32 -13.12 -28.00 -17.50
C THR A 32 -12.24 -28.14 -18.75
N GLY A 33 -11.06 -28.79 -18.65
CA GLY A 33 -10.04 -28.82 -19.70
C GLY A 33 -9.23 -27.52 -19.79
N ILE A 34 -9.43 -26.58 -18.86
CA ILE A 34 -8.75 -25.25 -18.84
C ILE A 34 -7.49 -25.39 -17.96
N LYS A 35 -6.30 -25.21 -18.56
CA LYS A 35 -5.02 -25.19 -17.82
C LYS A 35 -4.97 -23.93 -16.93
N VAL A 36 -4.49 -24.09 -15.70
CA VAL A 36 -4.26 -22.99 -14.74
C VAL A 36 -2.76 -22.91 -14.50
N THR A 37 -2.15 -21.76 -14.79
CA THR A 37 -0.71 -21.50 -14.56
C THR A 37 -0.61 -20.56 -13.36
N VAL A 38 0.06 -21.00 -12.31
CA VAL A 38 0.35 -20.18 -11.10
C VAL A 38 1.80 -19.71 -11.19
N GLU A 39 1.99 -18.40 -11.10
CA GLU A 39 3.33 -17.76 -11.14
C GLU A 39 3.48 -16.93 -9.87
N HIS A 40 4.71 -16.78 -9.39
CA HIS A 40 5.06 -15.94 -8.21
C HIS A 40 6.18 -14.98 -8.58
N PRO A 41 5.97 -14.04 -9.54
CA PRO A 41 7.03 -13.12 -9.95
C PRO A 41 7.45 -12.18 -8.80
N ASP A 42 8.70 -11.74 -8.82
CA ASP A 42 9.24 -10.72 -7.87
C ASP A 42 8.47 -9.41 -8.08
N LYS A 43 8.20 -8.68 -7.00
CA LYS A 43 7.57 -7.34 -7.02
C LYS A 43 6.26 -7.39 -7.82
N LEU A 44 5.48 -8.47 -7.70
CA LEU A 44 4.28 -8.66 -8.56
C LEU A 44 3.30 -7.49 -8.33
N GLU A 45 3.26 -6.93 -7.12
CA GLU A 45 2.34 -5.83 -6.72
C GLU A 45 2.73 -4.51 -7.41
N GLU A 46 4.00 -4.38 -7.84
CA GLU A 46 4.48 -3.23 -8.69
C GLU A 46 4.34 -3.59 -10.17
N LYS A 47 4.56 -4.84 -10.55
CA LYS A 47 4.46 -5.31 -11.96
C LYS A 47 3.01 -5.27 -12.42
N PHE A 48 2.07 -5.74 -11.60
CA PHE A 48 0.65 -5.85 -11.99
C PHE A 48 0.12 -4.54 -12.57
N PRO A 49 0.19 -3.36 -11.88
CA PRO A 49 -0.34 -2.12 -12.45
C PRO A 49 0.33 -1.64 -13.75
N GLN A 50 1.60 -2.00 -13.98
CA GLN A 50 2.35 -1.64 -15.22
C GLN A 50 1.80 -2.47 -16.39
N VAL A 51 1.75 -3.78 -16.24
CA VAL A 51 1.35 -4.74 -17.33
C VAL A 51 -0.17 -4.66 -17.56
N ALA A 52 -0.97 -4.52 -16.50
CA ALA A 52 -2.46 -4.48 -16.60
C ALA A 52 -2.87 -3.22 -17.38
N ALA A 53 -2.20 -2.09 -17.17
CA ALA A 53 -2.47 -0.79 -17.83
C ALA A 53 -2.40 -0.93 -19.36
N THR A 54 -1.62 -1.88 -19.89
CA THR A 54 -1.46 -2.16 -21.34
C THR A 54 -2.39 -3.30 -21.79
N GLY A 55 -3.32 -3.75 -20.94
CA GLY A 55 -4.23 -4.86 -21.25
C GLY A 55 -3.53 -6.22 -21.20
N ASP A 56 -2.43 -6.31 -20.45
CA ASP A 56 -1.58 -7.52 -20.30
C ASP A 56 -1.70 -8.04 -18.86
N GLY A 57 -0.88 -9.03 -18.50
CA GLY A 57 -0.68 -9.51 -17.12
C GLY A 57 -1.50 -10.76 -16.84
N PRO A 58 -1.68 -11.14 -15.56
CA PRO A 58 -2.43 -12.36 -15.21
C PRO A 58 -3.93 -12.09 -15.30
N ASP A 59 -4.71 -13.16 -15.37
CA ASP A 59 -6.19 -13.16 -15.26
C ASP A 59 -6.59 -12.82 -13.82
N ILE A 60 -5.89 -13.40 -12.84
CA ILE A 60 -6.21 -13.24 -11.39
C ILE A 60 -4.94 -12.78 -10.67
N ILE A 61 -5.05 -11.75 -9.84
CA ILE A 61 -3.91 -11.27 -9.00
C ILE A 61 -4.31 -11.47 -7.53
N PHE A 62 -3.39 -12.07 -6.76
CA PHE A 62 -3.50 -12.23 -5.29
C PHE A 62 -2.57 -11.24 -4.61
N TRP A 63 -3.12 -10.44 -3.71
CA TRP A 63 -2.34 -9.58 -2.80
C TRP A 63 -3.22 -9.25 -1.60
N ALA A 64 -2.63 -8.71 -0.53
CA ALA A 64 -3.42 -8.08 0.53
C ALA A 64 -4.28 -6.96 -0.10
N HIS A 65 -5.44 -6.72 0.48
CA HIS A 65 -6.49 -5.80 -0.05
C HIS A 65 -6.00 -4.35 -0.17
N ASP A 66 -4.95 -3.95 0.57
CA ASP A 66 -4.48 -2.54 0.61
C ASP A 66 -4.11 -2.02 -0.79
N ARG A 67 -3.61 -2.86 -1.71
CA ARG A 67 -3.16 -2.42 -3.06
C ARG A 67 -4.33 -2.28 -4.04
N PHE A 68 -5.51 -2.84 -3.72
CA PHE A 68 -6.58 -3.10 -4.72
C PHE A 68 -7.33 -1.81 -5.09
N GLY A 69 -7.48 -0.86 -4.16
CA GLY A 69 -8.12 0.46 -4.44
C GLY A 69 -7.39 1.23 -5.52
N GLY A 70 -6.05 1.25 -5.47
CA GLY A 70 -5.20 1.84 -6.51
C GLY A 70 -5.45 1.19 -7.86
N TYR A 71 -5.49 -0.15 -7.91
CA TYR A 71 -5.74 -0.94 -9.15
C TYR A 71 -7.14 -0.61 -9.68
N ALA A 72 -8.14 -0.55 -8.81
CA ALA A 72 -9.55 -0.26 -9.14
C ALA A 72 -9.68 1.16 -9.68
N GLN A 73 -9.08 2.15 -9.02
CA GLN A 73 -9.09 3.57 -9.46
C GLN A 73 -8.49 3.68 -10.85
N SER A 74 -7.44 2.90 -11.15
CA SER A 74 -6.75 2.85 -12.47
C SER A 74 -7.53 2.04 -13.51
N GLY A 75 -8.70 1.46 -13.17
CA GLY A 75 -9.53 0.69 -14.10
C GLY A 75 -8.97 -0.69 -14.41
N LEU A 76 -8.17 -1.28 -13.51
CA LEU A 76 -7.42 -2.53 -13.80
C LEU A 76 -8.16 -3.77 -13.29
N LEU A 77 -9.26 -3.61 -12.54
CA LEU A 77 -10.01 -4.74 -11.94
C LEU A 77 -11.47 -4.79 -12.43
N ALA A 78 -11.93 -6.00 -12.75
CA ALA A 78 -13.35 -6.35 -12.99
C ALA A 78 -14.13 -6.23 -11.67
N GLU A 79 -15.31 -5.60 -11.71
CA GLU A 79 -16.26 -5.61 -10.58
C GLU A 79 -16.71 -7.05 -10.31
N ILE A 80 -16.64 -7.46 -9.03
CA ILE A 80 -17.04 -8.80 -8.50
C ILE A 80 -18.52 -8.69 -8.09
N THR A 81 -19.36 -9.58 -8.62
CA THR A 81 -20.83 -9.60 -8.40
C THR A 81 -21.27 -11.01 -7.99
N PRO A 82 -20.87 -11.52 -6.80
CA PRO A 82 -21.30 -12.84 -6.37
C PRO A 82 -22.77 -12.74 -5.92
N ASP A 83 -23.50 -13.86 -6.00
CA ASP A 83 -24.91 -13.88 -5.54
C ASP A 83 -24.93 -13.82 -4.02
N LYS A 84 -26.10 -13.62 -3.43
CA LYS A 84 -26.29 -13.57 -1.97
C LYS A 84 -25.80 -14.88 -1.34
N ALA A 85 -26.15 -16.03 -1.90
CA ALA A 85 -25.79 -17.36 -1.35
C ALA A 85 -24.27 -17.43 -1.16
N PHE A 86 -23.51 -16.99 -2.15
CA PHE A 86 -22.02 -17.02 -2.07
C PHE A 86 -21.54 -15.97 -1.07
N GLN A 87 -22.05 -14.74 -1.16
CA GLN A 87 -21.62 -13.63 -0.27
C GLN A 87 -21.78 -14.03 1.20
N ASP A 88 -22.90 -14.66 1.56
CA ASP A 88 -23.21 -15.04 2.96
C ASP A 88 -22.26 -16.14 3.47
N LYS A 89 -21.51 -16.83 2.60
CA LYS A 89 -20.56 -17.90 3.02
C LYS A 89 -19.26 -17.30 3.58
N LEU A 90 -18.99 -16.02 3.36
CA LEU A 90 -17.78 -15.33 3.88
C LEU A 90 -18.18 -14.29 4.92
N TYR A 91 -17.25 -13.96 5.83
CA TYR A 91 -17.47 -12.94 6.90
C TYR A 91 -17.67 -11.57 6.26
N PRO A 92 -18.72 -10.83 6.67
CA PRO A 92 -18.98 -9.49 6.11
C PRO A 92 -17.79 -8.52 6.17
N PHE A 93 -16.98 -8.58 7.23
CA PHE A 93 -15.83 -7.64 7.41
C PHE A 93 -14.78 -7.95 6.34
N THR A 94 -14.69 -9.18 5.81
CA THR A 94 -13.73 -9.52 4.73
C THR A 94 -14.23 -8.88 3.42
N TRP A 95 -15.54 -8.91 3.14
CA TRP A 95 -16.13 -8.22 1.96
C TRP A 95 -15.87 -6.71 2.04
N ASP A 96 -15.97 -6.13 3.24
CA ASP A 96 -15.70 -4.68 3.48
C ASP A 96 -14.28 -4.32 3.07
N ALA A 97 -13.31 -5.21 3.24
CA ALA A 97 -11.89 -4.94 2.93
C ALA A 97 -11.69 -4.81 1.41
N VAL A 98 -12.56 -5.43 0.61
CA VAL A 98 -12.43 -5.47 -0.88
C VAL A 98 -13.57 -4.65 -1.52
N ARG A 99 -14.19 -3.74 -0.77
CA ARG A 99 -15.19 -2.77 -1.30
C ARG A 99 -14.49 -1.42 -1.52
N TYR A 100 -14.66 -0.83 -2.70
CA TYR A 100 -14.04 0.46 -3.11
C TYR A 100 -15.05 1.24 -3.93
N ASN A 101 -15.39 2.47 -3.49
CA ASN A 101 -16.42 3.33 -4.15
C ASN A 101 -17.69 2.50 -4.36
N GLY A 102 -18.12 1.78 -3.31
CA GLY A 102 -19.39 1.04 -3.24
C GLY A 102 -19.40 -0.28 -3.99
N LYS A 103 -18.31 -0.67 -4.66
CA LYS A 103 -18.27 -1.87 -5.55
C LYS A 103 -17.25 -2.88 -4.99
N LEU A 104 -17.57 -4.17 -5.06
CA LEU A 104 -16.62 -5.24 -4.69
C LEU A 104 -15.60 -5.36 -5.83
N ILE A 105 -14.31 -5.32 -5.52
CA ILE A 105 -13.22 -5.31 -6.54
C ILE A 105 -12.32 -6.55 -6.40
N ALA A 106 -12.63 -7.46 -5.49
CA ALA A 106 -11.86 -8.71 -5.28
C ALA A 106 -12.67 -9.69 -4.44
N TYR A 107 -12.26 -10.95 -4.47
CA TYR A 107 -12.71 -12.01 -3.53
C TYR A 107 -11.76 -12.01 -2.34
N PRO A 108 -12.27 -11.88 -1.09
CA PRO A 108 -11.42 -12.05 0.09
C PRO A 108 -11.14 -13.53 0.32
N ILE A 109 -9.92 -13.85 0.78
CA ILE A 109 -9.42 -15.24 0.95
C ILE A 109 -9.15 -15.49 2.43
N ALA A 110 -8.34 -14.63 3.08
CA ALA A 110 -7.90 -14.85 4.48
C ALA A 110 -7.41 -13.57 5.14
N VAL A 111 -7.55 -13.52 6.46
CA VAL A 111 -7.12 -12.40 7.34
C VAL A 111 -5.71 -12.75 7.85
N GLU A 112 -4.79 -11.83 7.63
CA GLU A 112 -3.35 -11.93 7.98
C GLU A 112 -3.05 -10.86 9.04
N ALA A 113 -2.42 -11.25 10.14
CA ALA A 113 -1.81 -10.31 11.10
C ALA A 113 -0.47 -10.89 11.53
N LEU A 114 0.49 -10.02 11.79
CA LEU A 114 1.78 -10.43 12.38
C LEU A 114 1.54 -10.87 13.82
N SER A 115 2.30 -11.88 14.27
CA SER A 115 2.42 -12.29 15.68
C SER A 115 3.90 -12.34 16.06
N LEU A 116 4.16 -12.37 17.36
CA LEU A 116 5.48 -12.70 17.94
C LEU A 116 5.60 -14.23 17.93
N ILE A 117 6.63 -14.73 17.30
CA ILE A 117 6.90 -16.20 17.23
C ILE A 117 8.15 -16.40 18.09
N TYR A 118 8.10 -17.31 19.05
CA TYR A 118 9.20 -17.48 20.02
C TYR A 118 9.56 -18.97 20.12
N ASN A 119 10.84 -19.20 20.40
CA ASN A 119 11.43 -20.55 20.62
C ASN A 119 11.31 -20.85 22.12
N LYS A 120 10.40 -21.75 22.49
CA LYS A 120 10.11 -22.17 23.89
C LYS A 120 11.33 -22.82 24.54
N ASP A 121 12.24 -23.41 23.75
CA ASP A 121 13.50 -24.01 24.27
C ASP A 121 14.51 -22.92 24.64
N LEU A 122 14.44 -21.71 24.08
CA LEU A 122 15.33 -20.59 24.47
C LEU A 122 14.64 -19.64 25.46
N LEU A 123 13.36 -19.33 25.23
CA LEU A 123 12.54 -18.40 26.05
C LEU A 123 11.24 -19.08 26.41
N PRO A 124 11.18 -19.86 27.52
CA PRO A 124 9.96 -20.50 27.98
C PRO A 124 8.75 -19.54 28.06
N ASN A 125 8.99 -18.30 28.49
CA ASN A 125 7.95 -17.23 28.51
C ASN A 125 8.42 -16.08 27.62
N PRO A 126 7.60 -15.66 26.63
CA PRO A 126 7.99 -14.56 25.76
C PRO A 126 7.88 -13.23 26.50
N PRO A 127 8.64 -12.18 26.09
CA PRO A 127 8.56 -10.88 26.76
C PRO A 127 7.19 -10.24 26.45
N LYS A 128 6.59 -9.60 27.45
CA LYS A 128 5.33 -8.84 27.32
C LYS A 128 5.62 -7.43 26.77
N THR A 129 6.86 -6.93 26.87
CA THR A 129 7.24 -5.54 26.53
C THR A 129 8.42 -5.53 25.54
N TRP A 130 8.45 -4.54 24.66
CA TRP A 130 9.63 -4.22 23.81
C TRP A 130 10.82 -3.84 24.72
N GLU A 131 10.53 -3.10 25.80
CA GLU A 131 11.55 -2.46 26.69
C GLU A 131 12.44 -3.51 27.36
N GLU A 132 11.95 -4.72 27.62
CA GLU A 132 12.75 -5.80 28.25
C GLU A 132 13.58 -6.57 27.21
N ILE A 133 13.48 -6.28 25.90
CA ILE A 133 14.20 -7.09 24.88
C ILE A 133 15.71 -6.83 24.98
N PRO A 134 16.22 -5.59 25.13
CA PRO A 134 17.67 -5.40 25.32
C PRO A 134 18.28 -6.30 26.40
N ALA A 135 17.68 -6.39 27.59
CA ALA A 135 18.18 -7.17 28.75
C ALA A 135 18.18 -8.66 28.39
N LEU A 136 17.12 -9.12 27.72
CA LEU A 136 16.97 -10.52 27.26
CA LEU A 136 16.96 -10.52 27.24
C LEU A 136 18.08 -10.84 26.24
N ASP A 137 18.34 -9.94 25.30
CA ASP A 137 19.39 -10.14 24.28
C ASP A 137 20.74 -10.33 24.99
N LYS A 138 21.04 -9.50 25.99
CA LYS A 138 22.29 -9.56 26.79
C LYS A 138 22.40 -10.94 27.45
N GLU A 139 21.31 -11.46 28.02
CA GLU A 139 21.28 -12.82 28.63
C GLU A 139 21.56 -13.86 27.54
N LEU A 140 20.90 -13.76 26.38
CA LEU A 140 20.99 -14.79 25.31
C LEU A 140 22.34 -14.70 24.60
N LYS A 141 22.91 -13.49 24.47
CA LYS A 141 24.25 -13.26 23.83
C LYS A 141 25.32 -14.00 24.65
N ALA A 142 25.21 -13.98 25.98
CA ALA A 142 26.09 -14.73 26.91
C ALA A 142 26.02 -16.24 26.64
N LYS A 143 24.91 -16.74 26.07
CA LYS A 143 24.69 -18.17 25.69
C LYS A 143 24.90 -18.41 24.19
N GLY A 144 25.34 -17.40 23.42
CA GLY A 144 25.54 -17.54 21.96
C GLY A 144 24.25 -17.49 21.14
N LYS A 145 23.24 -16.78 21.63
CA LYS A 145 21.96 -16.60 20.93
C LYS A 145 21.65 -15.10 20.86
N SER A 146 20.62 -14.73 20.12
CA SER A 146 20.07 -13.35 20.11
C SER A 146 18.60 -13.42 20.50
N ALA A 147 18.06 -12.31 21.01
CA ALA A 147 16.64 -12.20 21.42
C ALA A 147 15.73 -12.24 20.18
N LEU A 148 15.99 -11.41 19.16
CA LEU A 148 14.96 -11.06 18.15
C LEU A 148 15.60 -10.77 16.80
N MET A 149 15.09 -11.41 15.75
CA MET A 149 15.41 -11.05 14.35
C MET A 149 14.13 -11.13 13.54
N PHE A 150 13.86 -10.06 12.79
CA PHE A 150 12.71 -9.94 11.86
C PHE A 150 13.12 -9.00 10.72
N ASN A 151 12.30 -9.03 9.67
CA ASN A 151 12.58 -8.33 8.39
C ASN A 151 12.58 -6.81 8.63
N LEU A 152 13.72 -6.13 8.52
CA LEU A 152 13.80 -4.65 8.68
C LEU A 152 13.77 -3.95 7.32
N GLN A 153 13.49 -4.67 6.23
CA GLN A 153 13.51 -4.10 4.86
C GLN A 153 12.09 -3.74 4.41
N GLU A 154 11.05 -4.26 5.08
CA GLU A 154 9.64 -4.03 4.72
C GLU A 154 8.95 -3.38 5.92
N PRO A 155 8.37 -2.16 5.75
CA PRO A 155 7.78 -1.44 6.86
C PRO A 155 6.58 -2.15 7.51
N TYR A 156 5.93 -3.07 6.80
CA TYR A 156 4.90 -3.99 7.33
C TYR A 156 5.31 -4.54 8.71
N PHE A 157 6.57 -4.94 8.87
CA PHE A 157 7.07 -5.63 10.08
C PHE A 157 7.43 -4.65 11.19
N THR A 158 7.84 -3.43 10.85
CA THR A 158 8.26 -2.36 11.82
C THR A 158 7.05 -1.50 12.21
N TRP A 159 6.04 -1.39 11.33
CA TRP A 159 4.82 -0.57 11.55
C TRP A 159 4.17 -0.82 12.90
N PRO A 160 3.98 -2.08 13.38
CA PRO A 160 3.31 -2.29 14.66
C PRO A 160 3.96 -1.54 15.83
N LEU A 161 5.30 -1.46 15.85
CA LEU A 161 6.07 -0.71 16.88
C LEU A 161 5.89 0.80 16.66
N ILE A 162 5.97 1.26 15.41
CA ILE A 162 5.78 2.71 15.05
C ILE A 162 4.37 3.15 15.46
N ALA A 163 3.36 2.31 15.28
CA ALA A 163 1.94 2.63 15.55
C ALA A 163 1.64 2.61 17.05
N ALA A 164 2.44 1.92 17.86
CA ALA A 164 2.13 1.59 19.28
C ALA A 164 1.80 2.86 20.07
N ASP A 165 2.69 3.85 20.05
CA ASP A 165 2.60 5.05 20.92
C ASP A 165 1.93 6.21 20.17
N GLY A 166 1.31 5.98 19.00
CA GLY A 166 0.44 6.97 18.35
C GLY A 166 0.80 7.28 16.90
N GLY A 167 1.77 6.59 16.28
CA GLY A 167 1.96 6.70 14.82
C GLY A 167 0.72 6.21 14.08
N TYR A 168 0.30 6.87 13.00
CA TYR A 168 -0.81 6.39 12.14
C TYR A 168 -0.56 6.81 10.68
N ALA A 169 -1.16 6.07 9.75
CA ALA A 169 -1.13 6.35 8.31
C ALA A 169 -2.15 7.46 7.99
N PHE A 170 -3.44 7.16 8.06
CA PHE A 170 -4.55 8.11 7.82
C PHE A 170 -5.50 8.04 9.01
N LYS A 171 -5.78 9.19 9.64
CA LYS A 171 -6.63 9.29 10.86
C LYS A 171 -8.01 8.70 10.55
N TYR A 172 -8.56 7.92 11.47
CA TYR A 172 -9.89 7.28 11.38
C TYR A 172 -10.73 7.70 12.59
N GLU A 173 -11.78 8.52 12.37
CA GLU A 173 -12.73 8.99 13.41
C GLU A 173 -14.14 9.12 12.80
N ASN A 174 -15.18 8.88 13.62
CA ASN A 174 -16.62 8.89 13.22
C ASN A 174 -16.80 8.01 11.97
N GLY A 175 -16.22 6.80 12.01
CA GLY A 175 -16.24 5.79 10.94
C GLY A 175 -15.84 6.35 9.57
N LYS A 176 -14.78 7.18 9.50
CA LYS A 176 -14.30 7.81 8.23
C LYS A 176 -12.83 8.23 8.33
N TYR A 177 -12.06 8.00 7.26
CA TYR A 177 -10.64 8.43 7.11
C TYR A 177 -10.57 9.92 6.77
N ASP A 178 -9.76 10.69 7.52
CA ASP A 178 -9.24 12.01 7.08
C ASP A 178 -7.92 11.74 6.34
N ILE A 179 -7.98 11.64 5.02
CA ILE A 179 -6.79 11.47 4.12
C ILE A 179 -5.87 12.69 4.28
N LYS A 180 -6.39 13.84 4.75
CA LYS A 180 -5.61 15.07 5.00
C LYS A 180 -4.77 14.94 6.29
N ASP A 181 -5.13 14.01 7.20
CA ASP A 181 -4.49 13.84 8.54
C ASP A 181 -3.58 12.60 8.50
N VAL A 182 -2.27 12.81 8.33
CA VAL A 182 -1.23 11.73 8.29
C VAL A 182 -0.41 11.81 9.60
N GLY A 183 -0.17 10.68 10.26
CA GLY A 183 0.46 10.60 11.59
C GLY A 183 1.79 9.86 11.57
N VAL A 184 2.62 10.13 10.56
CA VAL A 184 3.90 9.44 10.30
C VAL A 184 5.04 10.14 11.06
N ASP A 185 5.00 11.47 11.23
CA ASP A 185 6.11 12.20 11.92
C ASP A 185 5.66 12.78 13.27
N ASN A 186 4.72 12.14 13.96
CA ASN A 186 4.24 12.58 15.30
C ASN A 186 5.17 11.99 16.37
N ALA A 187 4.96 12.37 17.64
CA ALA A 187 5.81 11.97 18.79
C ALA A 187 5.76 10.45 18.97
N GLY A 188 4.59 9.83 18.75
CA GLY A 188 4.39 8.38 18.87
C GLY A 188 5.21 7.61 17.85
N ALA A 189 5.18 8.05 16.58
CA ALA A 189 5.95 7.42 15.47
C ALA A 189 7.44 7.56 15.76
N LYS A 190 7.89 8.73 16.21
CA LYS A 190 9.31 9.03 16.53
C LYS A 190 9.81 8.11 17.66
N ALA A 191 8.98 7.88 18.68
CA ALA A 191 9.30 7.06 19.87
C ALA A 191 9.48 5.61 19.43
N GLY A 192 8.56 5.08 18.64
CA GLY A 192 8.62 3.72 18.07
C GLY A 192 9.88 3.52 17.25
N LEU A 193 10.14 4.42 16.30
CA LEU A 193 11.27 4.24 15.34
C LEU A 193 12.59 4.48 16.07
N THR A 194 12.64 5.41 17.03
CA THR A 194 13.84 5.65 17.88
C THR A 194 14.16 4.37 18.68
N PHE A 195 13.14 3.69 19.21
CA PHE A 195 13.33 2.41 19.93
C PHE A 195 13.97 1.39 19.00
N LEU A 196 13.50 1.28 17.76
CA LEU A 196 14.05 0.33 16.76
C LEU A 196 15.50 0.70 16.42
N VAL A 197 15.78 1.98 16.19
CA VAL A 197 17.14 2.44 15.82
C VAL A 197 18.09 2.21 17.00
N ASP A 198 17.60 2.40 18.24
CA ASP A 198 18.37 2.16 19.49
C ASP A 198 18.72 0.66 19.58
N LEU A 199 17.79 -0.23 19.24
CA LEU A 199 18.07 -1.70 19.24
C LEU A 199 19.24 -1.98 18.29
N ILE A 200 19.30 -1.30 17.14
CA ILE A 200 20.38 -1.47 16.13
C ILE A 200 21.66 -0.84 16.67
N LYS A 201 21.59 0.41 17.16
CA LYS A 201 22.74 1.13 17.75
CA LYS A 201 22.74 1.14 17.77
C LYS A 201 23.41 0.26 18.83
N ASN A 202 22.61 -0.37 19.69
CA ASN A 202 23.07 -1.21 20.83
C ASN A 202 23.37 -2.65 20.39
N LYS A 203 23.30 -2.96 19.09
CA LYS A 203 23.73 -4.24 18.45
C LYS A 203 22.83 -5.40 18.89
N HIS A 204 21.58 -5.11 19.29
CA HIS A 204 20.53 -6.13 19.54
C HIS A 204 19.91 -6.57 18.20
N MET A 205 20.02 -5.74 17.17
CA MET A 205 19.57 -6.08 15.79
C MET A 205 20.54 -5.47 14.77
N ASN A 206 20.50 -5.98 13.54
CA ASN A 206 21.34 -5.54 12.40
C ASN A 206 20.43 -4.90 11.35
N ALA A 207 20.74 -3.67 10.90
CA ALA A 207 19.95 -2.94 9.87
C ALA A 207 19.77 -3.77 8.60
N ASP A 208 20.72 -4.66 8.26
CA ASP A 208 20.70 -5.44 6.98
C ASP A 208 19.75 -6.64 7.07
N THR A 209 19.23 -6.99 8.25
CA THR A 209 18.37 -8.19 8.39
C THR A 209 17.12 -8.04 7.52
N ASP A 210 16.87 -9.04 6.67
CA ASP A 210 15.73 -9.11 5.73
C ASP A 210 14.92 -10.37 6.06
N TYR A 211 13.94 -10.68 5.22
CA TYR A 211 13.02 -11.82 5.47
C TYR A 211 13.80 -13.14 5.57
N SER A 212 14.68 -13.39 4.60
CA SER A 212 15.42 -14.68 4.48
CA SER A 212 15.44 -14.66 4.47
C SER A 212 16.38 -14.84 5.66
N ILE A 213 17.12 -13.79 6.04
CA ILE A 213 18.10 -13.85 7.16
C ILE A 213 17.35 -14.12 8.48
N ALA A 214 16.25 -13.42 8.77
CA ALA A 214 15.46 -13.60 10.02
C ALA A 214 14.89 -15.02 10.08
N GLU A 215 14.31 -15.51 8.97
CA GLU A 215 13.65 -16.85 8.89
C GLU A 215 14.72 -17.93 9.15
N ALA A 216 15.87 -17.85 8.49
CA ALA A 216 16.99 -18.81 8.64
C ALA A 216 17.46 -18.84 10.10
N ALA A 217 17.66 -17.68 10.72
CA ALA A 217 18.19 -17.55 12.10
C ALA A 217 17.20 -18.14 13.11
N PHE A 218 15.89 -17.91 12.92
CA PHE A 218 14.84 -18.48 13.82
C PHE A 218 14.76 -19.99 13.61
N ASN A 219 14.68 -20.43 12.35
CA ASN A 219 14.44 -21.87 12.01
C ASN A 219 15.67 -22.69 12.38
N LYS A 220 16.87 -22.09 12.46
CA LYS A 220 18.12 -22.78 12.92
C LYS A 220 18.33 -22.66 14.43
N GLY A 221 17.44 -21.98 15.17
CA GLY A 221 17.52 -21.87 16.64
C GLY A 221 18.59 -20.93 17.11
N GLU A 222 19.04 -19.99 16.26
CA GLU A 222 20.09 -18.98 16.59
C GLU A 222 19.47 -17.76 17.26
N THR A 223 18.20 -17.46 16.97
CA THR A 223 17.47 -16.32 17.59
C THR A 223 16.22 -16.86 18.27
N ALA A 224 15.88 -16.27 19.42
CA ALA A 224 14.80 -16.72 20.32
C ALA A 224 13.42 -16.29 19.79
N MET A 225 13.35 -15.23 19.00
CA MET A 225 12.06 -14.62 18.58
C MET A 225 12.16 -14.10 17.15
N THR A 226 11.03 -14.16 16.44
CA THR A 226 10.84 -13.46 15.15
C THR A 226 9.44 -12.83 15.16
N ILE A 227 9.19 -12.00 14.15
CA ILE A 227 7.86 -11.39 13.89
C ILE A 227 7.49 -11.81 12.48
N ASN A 228 6.38 -12.52 12.35
CA ASN A 228 5.97 -13.01 11.02
C ASN A 228 4.49 -13.35 11.04
N GLY A 229 3.99 -13.67 9.85
CA GLY A 229 2.57 -14.02 9.62
C GLY A 229 2.38 -15.53 9.53
N PRO A 230 1.11 -15.97 9.40
CA PRO A 230 0.78 -17.39 9.31
C PRO A 230 1.52 -18.20 8.23
N TRP A 231 1.81 -17.57 7.09
CA TRP A 231 2.53 -18.17 5.94
C TRP A 231 3.88 -18.75 6.39
N ALA A 232 4.49 -18.19 7.44
CA ALA A 232 5.83 -18.60 7.91
C ALA A 232 5.78 -19.93 8.69
N TRP A 233 4.61 -20.37 9.15
CA TRP A 233 4.53 -21.47 10.15
C TRP A 233 5.00 -22.79 9.54
N SER A 234 4.77 -23.02 8.25
CA SER A 234 5.16 -24.23 7.49
C SER A 234 6.65 -24.53 7.64
N ASN A 235 7.49 -23.53 7.33
CA ASN A 235 8.97 -23.68 7.38
C ASN A 235 9.42 -23.90 8.83
N ILE A 236 8.74 -23.30 9.81
CA ILE A 236 9.08 -23.49 11.25
C ILE A 236 8.71 -24.92 11.65
N ASP A 237 7.55 -25.42 11.22
CA ASP A 237 7.10 -26.83 11.45
C ASP A 237 8.18 -27.79 10.96
N THR A 238 8.65 -27.62 9.73
CA THR A 238 9.71 -28.44 9.07
C THR A 238 10.99 -28.41 9.90
N SER A 239 11.36 -27.25 10.46
CA SER A 239 12.59 -27.04 11.26
C SER A 239 12.56 -27.79 12.60
N LYS A 240 11.38 -28.15 13.13
CA LYS A 240 11.17 -28.86 14.43
C LYS A 240 11.56 -27.96 15.62
N VAL A 241 11.68 -26.64 15.42
CA VAL A 241 11.77 -25.69 16.55
C VAL A 241 10.47 -25.81 17.35
N ASN A 242 10.60 -25.85 18.67
CA ASN A 242 9.47 -25.84 19.64
C ASN A 242 9.00 -24.39 19.79
N TYR A 243 8.07 -23.95 18.93
CA TYR A 243 7.71 -22.52 18.81
C TYR A 243 6.31 -22.28 19.39
N GLY A 244 6.11 -21.04 19.84
CA GLY A 244 4.80 -20.49 20.23
C GLY A 244 4.48 -19.29 19.36
N VAL A 245 3.20 -19.01 19.18
CA VAL A 245 2.70 -17.78 18.50
C VAL A 245 1.91 -17.00 19.53
N THR A 246 2.24 -15.73 19.77
CA THR A 246 1.62 -14.95 20.87
C THR A 246 1.46 -13.48 20.48
N VAL A 247 0.85 -12.73 21.39
CA VAL A 247 0.66 -11.25 21.30
C VAL A 247 2.03 -10.58 21.10
N LEU A 248 2.09 -9.61 20.21
CA LEU A 248 3.30 -8.78 20.02
C LEU A 248 3.60 -8.06 21.34
N PRO A 249 4.88 -7.72 21.62
CA PRO A 249 5.19 -7.00 22.84
C PRO A 249 4.54 -5.61 22.87
N THR A 250 4.26 -5.09 24.07
CA THR A 250 3.74 -3.71 24.25
C THR A 250 4.91 -2.73 24.11
N PHE A 251 4.62 -1.49 23.71
CA PHE A 251 5.59 -0.37 23.74
C PHE A 251 4.97 0.78 24.53
N LYS A 252 5.69 1.28 25.54
CA LYS A 252 5.23 2.33 26.49
C LYS A 252 3.85 1.94 27.01
N GLY A 253 3.67 0.66 27.33
CA GLY A 253 2.46 0.07 27.96
C GLY A 253 1.30 -0.09 27.00
N GLN A 254 1.49 0.21 25.71
CA GLN A 254 0.41 0.19 24.68
C GLN A 254 0.66 -0.97 23.73
N PRO A 255 -0.39 -1.62 23.19
CA PRO A 255 -0.19 -2.74 22.28
C PRO A 255 0.53 -2.29 21.00
N SER A 256 1.38 -3.16 20.46
CA SER A 256 1.80 -3.10 19.03
C SER A 256 0.54 -3.29 18.18
N LYS A 257 0.42 -2.47 17.14
CA LYS A 257 -0.81 -2.37 16.32
C LYS A 257 -0.44 -2.78 14.90
N PRO A 258 -0.44 -4.08 14.57
CA PRO A 258 -0.11 -4.50 13.21
C PRO A 258 -1.18 -4.00 12.23
N PHE A 259 -0.76 -3.66 11.01
CA PHE A 259 -1.69 -3.35 9.90
C PHE A 259 -2.21 -4.69 9.38
N VAL A 260 -3.53 -4.92 9.46
CA VAL A 260 -4.18 -6.22 9.16
C VAL A 260 -4.50 -6.25 7.66
N GLY A 261 -4.08 -7.33 6.99
CA GLY A 261 -4.30 -7.55 5.55
C GLY A 261 -5.31 -8.65 5.31
N VAL A 262 -6.12 -8.50 4.27
CA VAL A 262 -7.01 -9.56 3.76
C VAL A 262 -6.41 -9.97 2.41
N LEU A 263 -5.76 -11.13 2.37
CA LEU A 263 -5.31 -11.75 1.10
C LEU A 263 -6.57 -11.80 0.23
N SER A 264 -6.49 -11.23 -0.96
CA SER A 264 -7.65 -11.02 -1.86
C SER A 264 -7.28 -11.43 -3.27
N ALA A 265 -8.27 -11.85 -4.06
CA ALA A 265 -8.09 -12.30 -5.45
C ALA A 265 -8.90 -11.37 -6.36
N GLY A 266 -8.21 -10.57 -7.17
CA GLY A 266 -8.83 -9.65 -8.14
C GLY A 266 -8.77 -10.21 -9.55
N ILE A 267 -9.75 -9.87 -10.37
CA ILE A 267 -9.83 -10.32 -11.78
C ILE A 267 -9.42 -9.13 -12.64
N ASN A 268 -8.42 -9.33 -13.50
CA ASN A 268 -7.90 -8.31 -14.45
C ASN A 268 -9.05 -7.85 -15.36
N ALA A 269 -9.26 -6.53 -15.44
CA ALA A 269 -10.27 -5.87 -16.30
C ALA A 269 -10.07 -6.25 -17.79
N ALA A 270 -8.84 -6.56 -18.20
CA ALA A 270 -8.48 -6.94 -19.59
C ALA A 270 -8.61 -8.45 -19.82
N SER A 271 -8.98 -9.25 -18.81
CA SER A 271 -9.06 -10.73 -18.96
C SER A 271 -10.24 -11.05 -19.87
N PRO A 272 -10.05 -11.89 -20.93
CA PRO A 272 -11.18 -12.48 -21.65
C PRO A 272 -11.73 -13.74 -20.98
N ASN A 273 -11.22 -14.10 -19.79
CA ASN A 273 -11.53 -15.36 -19.06
C ASN A 273 -12.24 -15.06 -17.72
N LYS A 274 -13.01 -13.97 -17.65
CA LYS A 274 -13.64 -13.49 -16.39
C LYS A 274 -14.62 -14.53 -15.84
N GLU A 275 -15.40 -15.18 -16.72
CA GLU A 275 -16.37 -16.22 -16.27
C GLU A 275 -15.62 -17.42 -15.69
N LEU A 276 -14.51 -17.84 -16.32
CA LEU A 276 -13.65 -18.96 -15.84
C LEU A 276 -13.02 -18.58 -14.50
N ALA A 277 -12.60 -17.32 -14.34
CA ALA A 277 -11.93 -16.81 -13.11
C ALA A 277 -12.93 -16.84 -11.95
N LYS A 278 -14.16 -16.35 -12.16
CA LYS A 278 -15.28 -16.37 -11.17
CA LYS A 278 -15.26 -16.37 -11.15
C LYS A 278 -15.57 -17.83 -10.77
N GLU A 279 -15.70 -18.72 -11.76
CA GLU A 279 -15.96 -20.16 -11.52
C GLU A 279 -14.84 -20.72 -10.65
N PHE A 280 -13.59 -20.46 -11.03
CA PHE A 280 -12.40 -20.97 -10.31
C PHE A 280 -12.42 -20.48 -8.86
N LEU A 281 -12.61 -19.17 -8.67
CA LEU A 281 -12.49 -18.56 -7.32
C LEU A 281 -13.67 -18.97 -6.44
N GLU A 282 -14.90 -19.02 -6.97
CA GLU A 282 -16.11 -19.26 -6.14
C GLU A 282 -16.30 -20.76 -5.86
N ASN A 283 -16.08 -21.63 -6.85
CA ASN A 283 -16.49 -23.07 -6.82
C ASN A 283 -15.29 -24.02 -6.69
N TYR A 284 -14.06 -23.52 -6.70
CA TYR A 284 -12.86 -24.36 -6.53
C TYR A 284 -12.04 -23.84 -5.34
N LEU A 285 -11.61 -22.58 -5.36
CA LEU A 285 -10.70 -22.06 -4.31
C LEU A 285 -11.48 -21.82 -3.01
N LEU A 286 -12.55 -21.03 -3.05
CA LEU A 286 -13.28 -20.60 -1.81
C LEU A 286 -14.29 -21.68 -1.42
N THR A 287 -13.75 -22.87 -1.20
CA THR A 287 -14.43 -24.08 -0.66
C THR A 287 -13.56 -24.60 0.50
N ASP A 288 -14.11 -25.45 1.35
CA ASP A 288 -13.31 -26.14 2.41
C ASP A 288 -12.10 -26.83 1.78
N GLU A 289 -12.30 -27.55 0.67
CA GLU A 289 -11.23 -28.39 0.05
C GLU A 289 -10.20 -27.51 -0.66
N GLY A 290 -10.61 -26.41 -1.30
CA GLY A 290 -9.72 -25.46 -1.99
C GLY A 290 -8.80 -24.75 -1.01
N LEU A 291 -9.37 -24.20 0.05
CA LEU A 291 -8.59 -23.44 1.07
C LEU A 291 -7.67 -24.41 1.83
N GLU A 292 -8.15 -25.62 2.10
CA GLU A 292 -7.31 -26.64 2.77
C GLU A 292 -6.06 -26.93 1.94
N ALA A 293 -6.20 -27.13 0.61
CA ALA A 293 -5.07 -27.39 -0.32
C ALA A 293 -4.02 -26.27 -0.21
N VAL A 294 -4.45 -25.00 -0.21
CA VAL A 294 -3.52 -23.84 -0.09
C VAL A 294 -2.95 -23.82 1.34
N ASN A 295 -3.81 -23.90 2.35
CA ASN A 295 -3.46 -23.81 3.78
C ASN A 295 -2.41 -24.87 4.17
N LYS A 296 -2.54 -26.09 3.63
CA LYS A 296 -1.61 -27.23 3.91
C LYS A 296 -0.22 -26.92 3.34
N ASP A 297 -0.12 -26.14 2.26
CA ASP A 297 1.17 -25.69 1.69
C ASP A 297 1.78 -24.60 2.59
N LYS A 298 1.15 -23.43 2.67
CA LYS A 298 1.52 -22.33 3.59
C LYS A 298 0.25 -21.82 4.25
N PRO A 299 0.14 -21.81 5.61
CA PRO A 299 -1.09 -21.38 6.27
C PRO A 299 -1.55 -19.98 5.85
N LEU A 300 -2.85 -19.87 5.61
CA LEU A 300 -3.52 -18.65 5.10
C LEU A 300 -3.76 -17.65 6.23
N GLY A 301 -3.86 -18.09 7.48
CA GLY A 301 -4.39 -17.28 8.60
C GLY A 301 -5.86 -17.58 8.86
N ALA A 302 -6.66 -16.58 9.24
CA ALA A 302 -8.10 -16.75 9.54
C ALA A 302 -8.87 -16.59 8.23
N VAL A 303 -9.29 -17.70 7.64
CA VAL A 303 -9.90 -17.70 6.27
C VAL A 303 -11.25 -16.96 6.28
N ALA A 304 -11.59 -16.38 5.13
CA ALA A 304 -12.83 -15.61 4.93
C ALA A 304 -14.02 -16.56 4.91
N LEU A 305 -13.82 -17.83 4.57
CA LEU A 305 -14.90 -18.84 4.43
C LEU A 305 -15.28 -19.35 5.83
N LYS A 306 -16.46 -18.97 6.30
CA LYS A 306 -16.99 -19.29 7.66
C LYS A 306 -16.87 -20.78 7.96
N SER A 307 -17.31 -21.66 7.04
CA SER A 307 -17.32 -23.13 7.23
C SER A 307 -15.92 -23.64 7.60
N TYR A 308 -14.88 -23.19 6.89
CA TYR A 308 -13.48 -23.64 7.12
C TYR A 308 -12.88 -22.90 8.32
N GLU A 309 -13.15 -21.60 8.50
CA GLU A 309 -12.62 -20.81 9.64
C GLU A 309 -13.09 -21.43 10.98
N GLU A 310 -14.29 -22.01 11.04
CA GLU A 310 -14.79 -22.70 12.26
C GLU A 310 -13.80 -23.80 12.70
N GLU A 311 -13.26 -24.58 11.75
CA GLU A 311 -12.24 -25.63 12.02
C GLU A 311 -10.91 -24.99 12.47
N LEU A 312 -10.38 -24.04 11.69
CA LEU A 312 -9.03 -23.43 11.94
C LEU A 312 -9.03 -22.59 13.23
N ALA A 313 -10.17 -21.99 13.63
CA ALA A 313 -10.28 -21.08 14.80
C ALA A 313 -9.85 -21.76 16.11
N LYS A 314 -9.93 -23.09 16.16
CA LYS A 314 -9.55 -23.93 17.35
C LYS A 314 -8.03 -23.92 17.53
N ASP A 315 -7.26 -23.62 16.47
CA ASP A 315 -5.77 -23.57 16.50
C ASP A 315 -5.35 -22.36 17.33
N PRO A 316 -4.57 -22.54 18.42
CA PRO A 316 -4.11 -21.41 19.23
C PRO A 316 -3.21 -20.43 18.46
N ARG A 317 -2.57 -20.85 17.38
CA ARG A 317 -1.77 -19.95 16.51
C ARG A 317 -2.72 -18.97 15.80
N ILE A 318 -3.91 -19.44 15.41
CA ILE A 318 -4.97 -18.59 14.77
C ILE A 318 -5.59 -17.67 15.84
N ALA A 319 -5.85 -18.19 17.04
CA ALA A 319 -6.31 -17.35 18.18
C ALA A 319 -5.32 -16.19 18.40
N ALA A 320 -4.01 -16.48 18.39
CA ALA A 320 -2.94 -15.45 18.56
C ALA A 320 -2.97 -14.46 17.38
N THR A 321 -3.16 -14.95 16.15
CA THR A 321 -3.25 -14.11 14.94
C THR A 321 -4.41 -13.12 15.10
N MET A 322 -5.58 -13.60 15.53
CA MET A 322 -6.80 -12.75 15.64
C MET A 322 -6.70 -11.81 16.86
N GLU A 323 -6.03 -12.22 17.94
CA GLU A 323 -5.75 -11.31 19.08
C GLU A 323 -4.94 -10.11 18.58
N ASN A 324 -3.88 -10.36 17.82
CA ASN A 324 -2.99 -9.29 17.28
C ASN A 324 -3.78 -8.44 16.27
N ALA A 325 -4.59 -9.06 15.41
CA ALA A 325 -5.47 -8.37 14.44
C ALA A 325 -6.40 -7.39 15.17
N GLN A 326 -7.00 -7.81 16.31
CA GLN A 326 -7.99 -6.98 17.05
C GLN A 326 -7.27 -5.77 17.69
N LYS A 327 -6.01 -5.91 18.09
CA LYS A 327 -5.19 -4.80 18.63
C LYS A 327 -4.70 -3.90 17.49
N GLY A 328 -4.63 -4.45 16.27
CA GLY A 328 -4.19 -3.73 15.07
C GLY A 328 -5.35 -3.00 14.40
N GLU A 329 -5.14 -2.57 13.16
CA GLU A 329 -6.18 -1.90 12.34
C GLU A 329 -6.15 -2.52 10.94
N ILE A 330 -7.34 -2.81 10.40
CA ILE A 330 -7.51 -3.19 8.97
C ILE A 330 -6.87 -2.10 8.11
N MET A 331 -6.07 -2.47 7.13
CA MET A 331 -5.41 -1.48 6.25
C MET A 331 -6.50 -0.76 5.45
N PRO A 332 -6.33 0.55 5.17
CA PRO A 332 -7.08 1.21 4.11
C PRO A 332 -6.80 0.54 2.76
N ASN A 333 -7.68 0.73 1.76
CA ASN A 333 -7.43 0.30 0.36
C ASN A 333 -7.33 1.53 -0.56
N ILE A 334 -7.27 2.74 -0.01
CA ILE A 334 -7.26 4.00 -0.79
C ILE A 334 -6.02 4.00 -1.69
N PRO A 335 -6.09 4.61 -2.91
CA PRO A 335 -4.98 4.56 -3.86
C PRO A 335 -3.65 5.08 -3.29
N GLN A 336 -3.71 5.89 -2.24
CA GLN A 336 -2.55 6.58 -1.59
C GLN A 336 -1.73 5.59 -0.74
N MET A 337 -2.22 4.37 -0.48
CA MET A 337 -1.51 3.37 0.36
C MET A 337 -0.14 3.03 -0.24
N SER A 338 -0.04 2.91 -1.57
CA SER A 338 1.24 2.66 -2.29
C SER A 338 2.30 3.70 -1.90
N ALA A 339 1.94 4.99 -1.95
CA ALA A 339 2.85 6.12 -1.63
C ALA A 339 3.23 6.09 -0.14
N PHE A 340 2.25 5.83 0.73
CA PHE A 340 2.44 5.69 2.18
C PHE A 340 3.52 4.62 2.41
N TRP A 341 3.34 3.43 1.82
CA TRP A 341 4.26 2.29 2.05
C TRP A 341 5.67 2.62 1.52
N TYR A 342 5.77 3.20 0.33
CA TYR A 342 7.09 3.62 -0.25
C TYR A 342 7.76 4.63 0.70
N ALA A 343 7.02 5.60 1.23
CA ALA A 343 7.56 6.67 2.09
C ALA A 343 8.06 6.08 3.42
N VAL A 344 7.28 5.22 4.08
CA VAL A 344 7.67 4.61 5.38
C VAL A 344 8.78 3.58 5.16
N ARG A 345 8.76 2.81 4.05
CA ARG A 345 9.84 1.86 3.68
C ARG A 345 11.20 2.58 3.67
N THR A 346 11.28 3.69 2.94
CA THR A 346 12.52 4.52 2.83
C THR A 346 12.90 5.07 4.21
N ALA A 347 11.94 5.59 4.99
CA ALA A 347 12.22 6.19 6.31
C ALA A 347 12.85 5.14 7.22
N VAL A 348 12.32 3.93 7.27
CA VAL A 348 12.81 2.89 8.23
C VAL A 348 14.22 2.47 7.78
N ILE A 349 14.42 2.17 6.50
CA ILE A 349 15.75 1.76 5.94
C ILE A 349 16.78 2.87 6.22
N ASN A 350 16.45 4.14 5.97
CA ASN A 350 17.41 5.25 6.17
C ASN A 350 17.71 5.47 7.65
N ALA A 351 16.72 5.39 8.53
CA ALA A 351 16.91 5.56 9.99
C ALA A 351 17.77 4.40 10.53
N ALA A 352 17.46 3.19 10.08
CA ALA A 352 18.13 1.95 10.55
C ALA A 352 19.60 1.94 10.14
N SER A 353 19.93 2.46 8.94
CA SER A 353 21.28 2.46 8.34
C SER A 353 22.12 3.65 8.82
N GLY A 354 21.51 4.68 9.40
CA GLY A 354 22.17 5.93 9.83
C GLY A 354 22.28 6.96 8.73
N ARG A 355 21.71 6.70 7.54
CA ARG A 355 21.69 7.65 6.38
C ARG A 355 20.94 8.92 6.80
N GLN A 356 19.86 8.78 7.55
CA GLN A 356 19.08 9.89 8.14
C GLN A 356 18.90 9.63 9.63
N THR A 357 18.75 10.71 10.40
CA THR A 357 18.22 10.65 11.78
C THR A 357 16.76 10.23 11.72
N VAL A 358 16.19 9.82 12.85
CA VAL A 358 14.73 9.48 12.94
C VAL A 358 13.91 10.72 12.53
N ASP A 359 14.27 11.91 13.03
CA ASP A 359 13.54 13.18 12.73
C ASP A 359 13.55 13.44 11.21
N GLU A 360 14.73 13.34 10.58
CA GLU A 360 14.90 13.53 9.11
C GLU A 360 14.07 12.50 8.34
N ALA A 361 14.16 11.22 8.73
CA ALA A 361 13.54 10.09 8.02
C ALA A 361 12.02 10.28 8.05
N LEU A 362 11.44 10.55 9.21
CA LEU A 362 9.96 10.63 9.34
C LEU A 362 9.43 11.94 8.74
N LYS A 363 10.18 13.04 8.79
CA LYS A 363 9.81 14.30 8.08
C LYS A 363 9.60 13.99 6.58
N ASP A 364 10.53 13.27 5.96
CA ASP A 364 10.48 12.97 4.50
C ASP A 364 9.30 12.04 4.23
N ALA A 365 9.05 11.05 5.11
CA ALA A 365 7.93 10.12 4.95
C ALA A 365 6.61 10.87 5.08
N GLN A 366 6.53 11.86 5.98
CA GLN A 366 5.32 12.70 6.17
C GLN A 366 5.05 13.45 4.87
N THR A 367 6.07 14.16 4.36
CA THR A 367 6.01 14.95 3.09
C THR A 367 5.59 14.02 1.94
N GLY A 368 6.18 12.82 1.84
CA GLY A 368 5.85 11.83 0.79
C GLY A 368 4.41 11.35 0.88
N SER A 369 3.94 11.07 2.10
CA SER A 369 2.58 10.52 2.36
C SER A 369 1.50 11.57 2.07
N GLU A 370 1.76 12.86 2.31
CA GLU A 370 0.72 13.91 2.09
C GLU A 370 0.91 14.61 0.73
N LEU A 371 1.82 14.14 -0.13
CA LEU A 371 2.19 14.86 -1.38
C LEU A 371 1.01 14.88 -2.36
N TYR A 372 0.36 13.74 -2.59
CA TYR A 372 -0.79 13.67 -3.53
C TYR A 372 -1.87 14.66 -3.09
N ARG A 373 -2.36 14.52 -1.86
CA ARG A 373 -3.49 15.33 -1.32
C ARG A 373 -3.14 16.82 -1.38
N GLN A 374 -1.95 17.22 -0.93
CA GLN A 374 -1.56 18.64 -0.88
C GLN A 374 -1.45 19.20 -2.32
N SER A 375 -0.79 18.45 -3.21
CA SER A 375 -0.66 18.78 -4.65
C SER A 375 -2.04 18.97 -5.29
N LEU A 376 -2.96 18.04 -5.04
CA LEU A 376 -4.35 18.13 -5.58
C LEU A 376 -5.05 19.38 -5.04
N GLU A 377 -4.95 19.68 -3.74
CA GLU A 377 -5.59 20.89 -3.13
C GLU A 377 -5.16 22.15 -3.90
N ILE A 378 -3.85 22.33 -4.12
CA ILE A 378 -3.25 23.51 -4.79
C ILE A 378 -3.72 23.54 -6.25
N ILE A 379 -3.52 22.42 -6.97
CA ILE A 379 -3.77 22.36 -8.43
C ILE A 379 -5.28 22.50 -8.70
N SER A 380 -6.15 21.78 -7.97
CA SER A 380 -7.63 21.86 -8.13
C SER A 380 -8.08 23.31 -7.88
N ARG A 381 -7.60 23.94 -6.80
CA ARG A 381 -8.00 25.33 -6.46
C ARG A 381 -7.58 26.27 -7.58
N TYR A 382 -6.34 26.18 -8.07
CA TYR A 382 -5.83 27.11 -9.12
C TYR A 382 -6.65 26.92 -10.40
N LEU A 383 -6.82 25.69 -10.87
CA LEU A 383 -7.63 25.41 -12.11
C LEU A 383 -9.04 26.00 -11.95
N ARG A 384 -9.72 25.76 -10.81
CA ARG A 384 -11.14 26.15 -10.62
C ARG A 384 -11.28 27.68 -10.51
N GLU A 385 -10.38 28.36 -9.79
CA GLU A 385 -10.49 29.84 -9.64
C GLU A 385 -10.12 30.53 -10.97
N GLN A 386 -9.19 29.96 -11.74
CA GLN A 386 -8.83 30.46 -13.10
C GLN A 386 -10.07 30.35 -14.00
N ALA A 387 -10.78 29.23 -13.96
CA ALA A 387 -11.93 28.91 -14.83
C ALA A 387 -13.13 29.81 -14.49
N THR A 388 -13.44 30.01 -13.21
CA THR A 388 -14.68 30.68 -12.73
C THR A 388 -14.44 32.17 -12.41
N GLY A 389 -13.20 32.59 -12.14
CA GLY A 389 -12.84 33.96 -11.72
C GLY A 389 -13.01 34.17 -10.22
N ALA A 390 -13.46 33.17 -9.46
CA ALA A 390 -13.74 33.29 -8.01
C ALA A 390 -12.95 32.22 -7.26
N ALA A 391 -12.34 32.58 -6.14
CA ALA A 391 -11.51 31.66 -5.33
C ALA A 391 -12.43 30.76 -4.48
N ASP A 392 -11.88 29.65 -4.03
CA ASP A 392 -12.56 28.68 -3.13
C ASP A 392 -12.42 29.20 -1.69
N THR A 393 -13.55 29.36 -1.01
CA THR A 393 -13.64 29.90 0.38
C THR A 393 -13.45 28.77 1.40
N ALA A 394 -13.50 27.50 0.98
CA ALA A 394 -13.27 26.34 1.87
C ALA A 394 -11.92 26.51 2.58
N PRO A 395 -11.84 26.25 3.91
CA PRO A 395 -10.56 26.19 4.61
C PRO A 395 -9.53 25.27 3.92
N MET A 396 -8.26 25.68 3.90
CA MET A 396 -7.15 24.89 3.29
C MET A 396 -6.92 23.57 4.04
N GLY A 397 -7.13 23.55 5.36
CA GLY A 397 -6.97 22.35 6.19
C GLY A 397 -5.53 22.14 6.64
N ALA A 398 -5.10 20.87 6.78
CA ALA A 398 -3.76 20.45 7.23
C ALA A 398 -2.69 21.06 6.32
N SER A 399 -1.57 21.49 6.90
CA SER A 399 -0.47 22.24 6.24
C SER A 399 -1.05 23.37 5.38
N GLY A 400 -2.03 24.11 5.93
CA GLY A 400 -2.82 25.13 5.21
C GLY A 400 -2.01 26.34 4.83
N ALA A 401 -1.04 26.72 5.67
CA ALA A 401 -0.10 27.83 5.39
C ALA A 401 0.64 27.54 4.09
N THR A 402 1.22 26.34 3.95
CA THR A 402 1.97 25.90 2.75
C THR A 402 1.05 25.94 1.53
N SER A 403 -0.14 25.34 1.62
CA SER A 403 -1.14 25.32 0.51
C SER A 403 -1.49 26.75 0.09
N ARG A 404 -1.74 27.63 1.06
CA ARG A 404 -2.10 29.05 0.81
C ARG A 404 -0.95 29.75 0.08
N LYS A 405 0.28 29.60 0.58
CA LYS A 405 1.48 30.30 0.03
C LYS A 405 1.84 29.70 -1.33
N ALA A 406 1.65 28.40 -1.53
CA ALA A 406 1.86 27.73 -2.83
C ALA A 406 0.89 28.27 -3.87
N LEU A 407 -0.41 28.35 -3.52
CA LEU A 407 -1.46 28.88 -4.42
C LEU A 407 -1.14 30.35 -4.76
N GLU A 408 -0.73 31.13 -3.75
CA GLU A 408 -0.31 32.54 -3.94
C GLU A 408 0.83 32.65 -4.95
N THR A 409 1.86 31.82 -4.79
CA THR A 409 3.06 31.78 -5.66
C THR A 409 2.63 31.40 -7.07
N LEU A 410 1.80 30.36 -7.16
CA LEU A 410 1.30 29.80 -8.43
C LEU A 410 0.50 30.88 -9.19
N ARG A 411 -0.35 31.64 -8.50
CA ARG A 411 -1.10 32.79 -9.08
C ARG A 411 -0.12 33.76 -9.74
N ARG A 412 0.95 34.14 -9.05
CA ARG A 412 1.97 35.08 -9.58
C ARG A 412 2.69 34.46 -10.78
N VAL A 413 3.36 33.33 -10.59
CA VAL A 413 4.29 32.77 -11.61
C VAL A 413 3.49 32.11 -12.74
N GLY A 414 2.38 31.44 -12.43
CA GLY A 414 1.50 30.76 -13.40
C GLY A 414 0.76 31.73 -14.30
N ASP A 415 0.23 32.83 -13.76
CA ASP A 415 -0.46 33.85 -14.59
C ASP A 415 0.55 34.42 -15.59
N GLY A 416 1.79 34.70 -15.13
CA GLY A 416 2.95 35.11 -15.95
C GLY A 416 3.21 34.20 -17.14
N VAL A 417 3.26 32.89 -16.92
CA VAL A 417 3.50 31.88 -18.00
C VAL A 417 2.35 31.98 -19.02
N GLN A 418 1.10 31.96 -18.55
CA GLN A 418 -0.10 31.98 -19.44
C GLN A 418 -0.14 33.25 -20.28
N ARG A 419 0.23 34.42 -19.71
CA ARG A 419 0.23 35.74 -20.40
CA ARG A 419 0.17 35.71 -20.46
C ARG A 419 1.32 35.74 -21.48
N ASN A 420 2.55 35.45 -21.07
CA ASN A 420 3.77 35.47 -21.94
C ASN A 420 3.67 34.41 -23.04
N HIS A 421 3.05 33.25 -22.77
CA HIS A 421 3.00 32.09 -23.71
C HIS A 421 1.58 31.86 -24.24
N GLU A 422 0.77 32.92 -24.32
CA GLU A 422 -0.66 32.84 -24.75
C GLU A 422 -0.78 32.21 -26.13
N THR A 423 0.06 32.61 -27.09
CA THR A 423 -0.01 32.11 -28.50
C THR A 423 0.26 30.60 -28.52
N ALA A 424 1.32 30.14 -27.86
CA ALA A 424 1.71 28.71 -27.78
C ALA A 424 0.58 27.90 -27.11
N PHE A 425 0.02 28.43 -26.03
CA PHE A 425 -1.06 27.80 -25.22
C PHE A 425 -2.28 27.61 -26.11
N GLN A 426 -2.70 28.68 -26.80
CA GLN A 426 -3.85 28.67 -27.75
C GLN A 426 -3.60 27.64 -28.87
N GLY A 427 -2.38 27.60 -29.42
CA GLY A 427 -1.99 26.66 -30.49
C GLY A 427 -2.11 25.21 -30.02
N MET A 428 -1.56 24.91 -28.83
CA MET A 428 -1.59 23.54 -28.27
C MET A 428 -3.03 23.19 -27.87
N LEU A 429 -3.80 24.16 -27.34
CA LEU A 429 -5.21 23.92 -26.94
C LEU A 429 -6.01 23.43 -28.16
N ARG A 430 -5.95 24.15 -29.28
CA ARG A 430 -6.70 23.83 -30.52
C ARG A 430 -6.22 22.48 -31.10
N LYS A 431 -4.90 22.25 -31.10
CA LYS A 431 -4.24 21.02 -31.64
C LYS A 431 -4.70 19.79 -30.85
N LEU A 432 -4.84 19.90 -29.52
CA LEU A 432 -5.33 18.79 -28.66
C LEU A 432 -6.85 18.62 -28.81
N ASP A 433 -7.59 19.70 -29.08
CA ASP A 433 -9.06 19.67 -29.36
C ASP A 433 -9.79 18.99 -28.20
N ILE A 434 -9.72 19.57 -27.00
CA ILE A 434 -10.29 18.99 -25.76
C ILE A 434 -11.76 19.46 -25.64
N LYS A 435 -12.71 18.51 -25.68
CA LYS A 435 -14.16 18.75 -25.80
C LYS A 435 -14.96 18.18 -24.62
N ASN A 436 -14.45 17.16 -23.92
CA ASN A 436 -15.26 16.34 -22.98
C ASN A 436 -14.35 15.47 -22.09
N GLU A 437 -14.95 14.73 -21.16
CA GLU A 437 -14.25 13.90 -20.15
C GLU A 437 -13.41 12.78 -20.82
N ASP A 438 -13.82 12.28 -22.00
CA ASP A 438 -13.05 11.21 -22.73
C ASP A 438 -11.72 11.80 -23.22
N ASP A 439 -11.74 13.00 -23.80
CA ASP A 439 -10.53 13.69 -24.32
C ASP A 439 -9.56 14.01 -23.16
N VAL A 440 -10.09 14.48 -22.01
CA VAL A 440 -9.31 14.77 -20.77
C VAL A 440 -8.52 13.52 -20.35
N LYS A 441 -9.14 12.34 -20.41
CA LYS A 441 -8.50 11.03 -20.07
C LYS A 441 -7.29 10.75 -20.99
N SER A 442 -7.29 11.28 -22.22
CA SER A 442 -6.17 11.09 -23.20
C SER A 442 -4.98 11.99 -22.87
N LEU A 443 -5.13 13.00 -22.00
CA LEU A 443 -4.06 13.99 -21.71
C LEU A 443 -2.96 13.39 -20.83
N SER A 444 -3.28 12.44 -19.94
CA SER A 444 -2.27 11.82 -19.04
C SER A 444 -1.04 11.37 -19.84
N ARG A 445 -1.26 10.61 -20.93
CA ARG A 445 -0.20 10.01 -21.79
C ARG A 445 0.70 11.12 -22.34
N VAL A 446 0.11 12.17 -22.92
CA VAL A 446 0.88 13.29 -23.55
C VAL A 446 1.58 14.13 -22.46
N MET A 447 0.96 14.31 -21.30
CA MET A 447 1.61 15.01 -20.14
C MET A 447 2.87 14.24 -19.72
N ILE A 448 2.77 12.91 -19.54
CA ILE A 448 3.94 12.04 -19.19
C ILE A 448 4.99 12.19 -20.31
N HIS A 449 4.57 12.09 -21.57
CA HIS A 449 5.48 12.21 -22.74
C HIS A 449 6.20 13.57 -22.72
N VAL A 450 5.46 14.68 -22.62
CA VAL A 450 6.04 16.04 -22.75
C VAL A 450 6.65 16.48 -21.41
N PHE A 451 5.89 16.45 -20.31
CA PHE A 451 6.35 16.98 -19.01
C PHE A 451 7.39 16.03 -18.38
N SER A 452 7.00 14.79 -18.12
CA SER A 452 7.76 13.85 -17.24
C SER A 452 9.14 13.50 -17.83
N ASP A 453 9.30 13.54 -19.15
CA ASP A 453 10.55 13.15 -19.86
C ASP A 453 11.48 14.36 -20.06
N GLY A 454 11.00 15.60 -19.89
CA GLY A 454 11.85 16.81 -19.90
C GLY A 454 12.60 16.99 -18.58
N VAL A 455 13.41 18.05 -18.48
CA VAL A 455 14.17 18.44 -17.25
C VAL A 455 13.18 18.57 -16.07
N THR A 456 13.57 18.18 -14.85
CA THR A 456 12.78 18.41 -13.62
C THR A 456 13.24 19.72 -12.98
N ASN A 457 12.34 20.71 -12.93
CA ASN A 457 12.51 21.97 -12.16
C ASN A 457 11.14 22.58 -11.90
N TRP A 458 11.09 23.55 -10.98
CA TRP A 458 9.84 24.21 -10.56
C TRP A 458 9.22 24.98 -11.74
N GLY A 459 10.03 25.54 -12.64
CA GLY A 459 9.53 26.27 -13.82
C GLY A 459 8.68 25.38 -14.71
N ARG A 460 9.15 24.17 -15.02
CA ARG A 460 8.44 23.22 -15.92
C ARG A 460 7.19 22.69 -15.19
N ILE A 461 7.24 22.57 -13.86
CA ILE A 461 6.04 22.22 -13.04
C ILE A 461 4.99 23.34 -13.12
N VAL A 462 5.41 24.60 -13.05
CA VAL A 462 4.46 25.74 -13.20
C VAL A 462 3.81 25.67 -14.58
N THR A 463 4.59 25.43 -15.64
CA THR A 463 4.03 25.32 -17.01
C THR A 463 2.97 24.21 -17.06
N LEU A 464 3.26 23.03 -16.52
CA LEU A 464 2.32 21.86 -16.48
C LEU A 464 0.98 22.32 -15.91
N ILE A 465 1.01 22.98 -14.75
CA ILE A 465 -0.21 23.38 -14.00
C ILE A 465 -0.89 24.56 -14.72
N SER A 466 -0.11 25.51 -15.25
CA SER A 466 -0.58 26.74 -15.93
C SER A 466 -1.29 26.39 -17.25
N PHE A 467 -0.78 25.42 -18.00
CA PHE A 467 -1.48 24.92 -19.21
C PHE A 467 -2.77 24.22 -18.77
N GLY A 468 -2.72 23.46 -17.68
CA GLY A 468 -3.90 22.89 -17.03
C GLY A 468 -4.96 23.94 -16.75
N ALA A 469 -4.56 25.07 -16.18
CA ALA A 469 -5.47 26.21 -15.90
C ALA A 469 -6.03 26.75 -17.23
N PHE A 470 -5.18 26.87 -18.25
CA PHE A 470 -5.57 27.36 -19.60
C PHE A 470 -6.65 26.43 -20.18
N VAL A 471 -6.46 25.12 -20.06
CA VAL A 471 -7.46 24.10 -20.51
C VAL A 471 -8.73 24.22 -19.66
N ALA A 472 -8.61 24.42 -18.34
CA ALA A 472 -9.77 24.52 -17.42
C ALA A 472 -10.67 25.69 -17.86
N LYS A 473 -10.06 26.82 -18.21
CA LYS A 473 -10.77 28.05 -18.66
C LYS A 473 -11.63 27.72 -19.90
N HIS A 474 -11.03 27.01 -20.86
CA HIS A 474 -11.70 26.51 -22.09
C HIS A 474 -12.88 25.60 -21.69
N LEU A 475 -12.66 24.61 -20.83
CA LEU A 475 -13.71 23.61 -20.45
C LEU A 475 -14.91 24.32 -19.81
N LYS A 476 -14.68 25.33 -18.95
CA LYS A 476 -15.76 26.17 -18.34
C LYS A 476 -16.53 26.87 -19.47
N THR A 477 -15.81 27.48 -20.42
CA THR A 477 -16.40 28.32 -21.50
C THR A 477 -17.36 27.46 -22.34
N ILE A 478 -17.03 26.21 -22.62
CA ILE A 478 -17.84 25.28 -23.48
C ILE A 478 -18.77 24.40 -22.63
N ASN A 479 -19.11 24.82 -21.41
CA ASN A 479 -20.09 24.15 -20.51
C ASN A 479 -19.59 22.72 -20.18
N GLN A 480 -18.28 22.56 -19.98
CA GLN A 480 -17.65 21.29 -19.55
C GLN A 480 -16.93 21.51 -18.20
N GLU A 481 -17.53 22.28 -17.29
CA GLU A 481 -16.96 22.59 -15.95
C GLU A 481 -16.80 21.29 -15.13
N SER A 482 -17.65 20.29 -15.38
CA SER A 482 -17.61 18.95 -14.73
C SER A 482 -16.27 18.25 -14.98
N CYS A 483 -15.57 18.60 -16.07
CA CYS A 483 -14.27 17.99 -16.49
C CYS A 483 -13.09 18.54 -15.68
N ILE A 484 -13.25 19.65 -14.96
CA ILE A 484 -12.07 20.36 -14.38
C ILE A 484 -11.49 19.52 -13.24
N GLU A 485 -12.29 18.99 -12.33
CA GLU A 485 -11.74 18.22 -11.16
C GLU A 485 -11.03 16.95 -11.65
N PRO A 486 -11.61 16.13 -12.56
CA PRO A 486 -10.85 15.06 -13.24
C PRO A 486 -9.53 15.50 -13.88
N LEU A 487 -9.51 16.66 -14.55
CA LEU A 487 -8.29 17.24 -15.15
C LEU A 487 -7.26 17.52 -14.04
N ALA A 488 -7.69 18.15 -12.93
CA ALA A 488 -6.86 18.46 -11.76
C ALA A 488 -6.29 17.16 -11.17
N GLU A 489 -7.12 16.12 -11.05
CA GLU A 489 -6.69 14.79 -10.53
C GLU A 489 -5.63 14.18 -11.45
N SER A 490 -5.80 14.30 -12.77
CA SER A 490 -4.87 13.75 -13.80
C SER A 490 -3.51 14.47 -13.76
N ILE A 491 -3.49 15.80 -13.73
CA ILE A 491 -2.23 16.60 -13.63
C ILE A 491 -1.49 16.18 -12.33
N THR A 492 -2.22 16.10 -11.22
CA THR A 492 -1.64 15.78 -9.89
C THR A 492 -1.00 14.39 -9.96
N ASP A 493 -1.71 13.42 -10.52
CA ASP A 493 -1.22 12.03 -10.67
C ASP A 493 0.13 12.06 -11.41
N VAL A 494 0.21 12.71 -12.57
CA VAL A 494 1.44 12.79 -13.40
C VAL A 494 2.55 13.42 -12.58
N LEU A 495 2.28 14.59 -12.00
CA LEU A 495 3.31 15.34 -11.22
C LEU A 495 3.87 14.45 -10.11
N VAL A 496 3.02 13.92 -9.23
CA VAL A 496 3.48 13.29 -7.96
C VAL A 496 4.06 11.90 -8.24
N ARG A 497 3.51 11.15 -9.22
CA ARG A 497 4.00 9.80 -9.60
C ARG A 497 5.39 9.90 -10.24
N THR A 498 5.55 10.82 -11.20
CA THR A 498 6.76 10.89 -12.07
C THR A 498 7.86 11.72 -11.39
N LYS A 499 7.54 12.58 -10.41
CA LYS A 499 8.55 13.46 -9.75
C LYS A 499 8.55 13.26 -8.23
N ARG A 500 7.99 12.15 -7.74
CA ARG A 500 7.93 11.80 -6.29
C ARG A 500 9.25 12.14 -5.57
N ASP A 501 10.37 11.53 -5.96
CA ASP A 501 11.65 11.60 -5.20
C ASP A 501 12.18 13.04 -5.21
N TRP A 502 12.11 13.70 -6.37
CA TRP A 502 12.55 15.12 -6.54
C TRP A 502 11.72 16.03 -5.64
N LEU A 503 10.39 15.89 -5.66
CA LEU A 503 9.48 16.74 -4.85
C LEU A 503 9.81 16.59 -3.36
N VAL A 504 10.06 15.36 -2.88
CA VAL A 504 10.35 15.14 -1.43
C VAL A 504 11.70 15.80 -1.11
N LYS A 505 12.69 15.65 -1.99
CA LYS A 505 14.03 16.29 -1.84
C LYS A 505 13.88 17.81 -1.71
N GLN A 506 12.88 18.43 -2.37
CA GLN A 506 12.67 19.91 -2.33
C GLN A 506 11.90 20.36 -1.07
N ARG A 507 11.50 19.45 -0.17
CA ARG A 507 10.55 19.73 0.95
C ARG A 507 9.20 20.08 0.33
N GLY A 508 8.83 19.37 -0.73
CA GLY A 508 7.56 19.53 -1.47
C GLY A 508 7.25 20.98 -1.78
N TRP A 509 6.03 21.41 -1.49
CA TRP A 509 5.50 22.75 -1.85
C TRP A 509 6.17 23.87 -1.03
N ASP A 510 6.79 23.58 0.12
CA ASP A 510 7.62 24.58 0.83
C ASP A 510 8.82 24.97 -0.05
N GLY A 511 9.42 24.00 -0.75
CA GLY A 511 10.51 24.24 -1.71
C GLY A 511 10.08 25.18 -2.81
N PHE A 512 8.89 24.93 -3.37
CA PHE A 512 8.28 25.76 -4.44
C PHE A 512 8.15 27.22 -3.98
N VAL A 513 7.55 27.43 -2.80
CA VAL A 513 7.31 28.79 -2.21
C VAL A 513 8.66 29.50 -2.06
N GLU A 514 9.68 28.81 -1.55
CA GLU A 514 11.04 29.37 -1.32
C GLU A 514 11.69 29.71 -2.66
N PHE A 515 11.60 28.82 -3.65
CA PHE A 515 12.28 28.96 -4.96
C PHE A 515 11.83 30.26 -5.64
N PHE A 516 10.54 30.58 -5.60
CA PHE A 516 9.91 31.74 -6.27
C PHE A 516 9.65 32.89 -5.29
N HIS A 517 10.28 32.89 -4.12
CA HIS A 517 10.20 34.00 -3.14
C HIS A 517 10.84 35.23 -3.78
N VAL A 518 10.04 36.26 -4.07
CA VAL A 518 10.48 37.55 -4.71
C VAL A 518 10.78 38.57 -3.61
C1 GLC B . 3.21 -10.56 3.31
C2 GLC B . 1.78 -9.98 3.44
C3 GLC B . 1.63 -8.60 2.83
C4 GLC B . 2.79 -7.68 3.23
C5 GLC B . 4.14 -8.31 2.96
C6 GLC B . 5.27 -7.46 3.51
O1 GLC B . 3.42 -11.02 2.00
O2 GLC B . 0.83 -10.86 2.80
O3 GLC B . 0.39 -8.01 3.26
O4 GLC B . 2.68 -6.48 2.46
O5 GLC B . 4.24 -9.61 3.59
O6 GLC B . 6.53 -7.77 2.88
C1 GLC B . 2.11 -5.35 3.12
C2 GLC B . 1.16 -4.63 2.16
C3 GLC B . 1.96 -4.14 0.95
C4 GLC B . 3.08 -3.23 1.44
C5 GLC B . 3.98 -3.93 2.48
C6 GLC B . 4.95 -2.95 3.14
O2 GLC B . 0.13 -5.54 1.76
O3 GLC B . 1.12 -3.45 0.00
O4 GLC B . 3.83 -2.77 0.32
O5 GLC B . 3.17 -4.49 3.51
O6 GLC B . 6.02 -3.65 3.78
C1 EDO C . -21.15 -21.41 -13.87
O1 EDO C . -21.33 -22.35 -12.81
C2 EDO C . -22.03 -20.23 -13.77
O2 EDO C . -22.22 -19.76 -12.44
C1 PEG D . -10.51 -28.78 -4.89
O1 PEG D . -11.45 -27.70 -4.98
C2 PEG D . -9.25 -28.41 -4.15
O2 PEG D . -8.54 -29.58 -3.75
C3 PEG D . -7.60 -30.04 -4.72
C4 PEG D . -7.31 -31.50 -4.50
O4 PEG D . -7.00 -32.21 -5.70
C1 EDO E . 9.87 8.29 -10.02
O1 EDO E . 10.67 7.21 -10.53
C2 EDO E . 10.21 8.63 -8.61
O2 EDO E . 10.50 10.00 -8.35
C1 EDO F . 5.70 -23.95 -1.38
O1 EDO F . 4.69 -23.03 -1.74
C2 EDO F . 7.02 -23.59 -1.94
O2 EDO F . 7.64 -22.51 -1.27
C1 YKX G . 12.27 30.55 -17.04
C3 YKX G . 10.29 29.22 -17.12
C6 YKX G . 7.69 29.55 -14.64
C7 YKX G . 8.30 28.27 -16.71
C8 YKX G . 9.38 28.24 -17.58
C15 YKX G . 7.63 23.34 -20.93
C17 YKX G . 6.50 22.49 -20.56
C18 YKX G . 6.35 21.93 -19.25
C19 YKX G . 5.26 21.19 -18.97
C23 YKX G . 1.71 19.63 -21.45
C24 YKX G . 1.78 18.76 -22.71
C27 YKX G . -0.75 19.00 -21.46
C31 YKX G . -1.11 20.11 -18.95
C32 YKX G . 0.12 20.15 -19.55
C33 YKX G . 0.33 19.58 -20.83
C34 YKX G . 2.03 21.06 -21.84
C36 YKX G . 3.58 21.72 -23.65
C37 YKX G . 3.40 23.24 -23.88
C39 YKX G . 1.94 23.72 -23.78
C40 YKX G . 1.89 24.91 -24.74
O41 YKX G . 2.86 24.65 -25.75
O2 YKX G . 11.50 29.53 -17.67
N4 YKX G . 9.77 29.77 -16.05
N5 YKX G . 8.55 29.18 -15.78
C9 YKX G . 9.57 27.39 -18.77
O10 YKX G . 10.41 27.67 -19.60
N11 YKX G . 8.82 26.29 -18.94
S12 YKX G . 8.97 25.32 -20.23
O13 YKX G . 10.27 24.75 -20.22
N14 YKX G . 7.90 24.29 -20.05
O16 YKX G . 8.20 23.20 -22.00
C20 YKX G . 4.26 20.96 -19.93
O21 YKX G . 3.20 20.18 -19.56
C22 YKX G . 2.76 19.12 -20.42
C25 YKX G . 0.55 18.85 -23.61
C26 YKX G . -0.65 18.34 -22.83
C28 YKX G . -1.99 18.97 -20.85
C29 YKX G . -2.18 19.52 -19.59
CL30 YKX G . -3.72 19.49 -18.84
N35 YKX G . 3.38 21.37 -22.21
C42 YKX G . 3.76 23.61 -25.34
C44 YKX G . 5.20 24.04 -25.54
O46 YKX G . 5.52 24.23 -26.93
C47 YKX G . 5.61 23.06 -27.76
C48 YKX G . 5.49 25.37 -24.86
F49 YKX G . 4.70 26.41 -25.14
C50 YKX G . 6.49 25.51 -24.02
C51 YKX G . 6.78 26.84 -23.38
C52 YKX G . 7.12 26.64 -21.89
C54 YKX G . 6.82 27.91 -21.11
C55 YKX G . 8.61 26.27 -21.74
C56 YKX G . 4.38 21.52 -21.28
C57 YKX G . 5.53 22.31 -21.53
#